data_6P3V
#
_entry.id   6P3V
#
_cell.length_a   174.875
_cell.length_b   174.875
_cell.length_c   121.450
_cell.angle_alpha   90.00
_cell.angle_beta   90.00
_cell.angle_gamma   120.00
#
_symmetry.space_group_name_H-M   'H 3 2'
#
loop_
_entity.id
_entity.type
_entity.pdbx_description
1 polymer 'N-acetyltransferase Eis'
2 non-polymer N,N-diethyl-2-[(8-fluoro-5-methyl-5H-[1,2,4]triazino[5,6-b]indol-3-yl)sulfanyl]ethan-1-amine
3 non-polymer 'SULFATE ION'
4 non-polymer 'DIMETHYL SULFOXIDE'
5 water water
#
_entity_poly.entity_id   1
_entity_poly.type   'polypeptide(L)'
_entity_poly.pdbx_seq_one_letter_code
;MGSSHHHHHHSSGLVPRGSHMTVTLCSPTEDDWPGMFLLAAASFTDFIGPESATAWRTLVPTDGAVVVRDGAGPGSEVVG
MALYMDLRLTVPGEVVLPTAGLSFVAVAPTHRRRGLLRAMCAELHRRIADSGYPVAALHASEGGIYGRFGYGPATTLHEL
TVDRRFARFHADAPGGGLGGSSVRLVRPTEHRGEFEAIYERWRQQVPGGLLRPQVLWDELLAEAKAAPGGDRESFALLHP
DGYALYRVDRTDLKLARVSELRAVTADAHCALWRALIGLDSMERISIITHPQDPLPHLLTDTRLARTTWRQDGLWLRIMN
VPAALEARGYAHEVGEFSTVLEVSDGGRFALKIGDGRARCTPTDAAAEIEMDRDVLGSLYLGAHRASTLAAANRLRTKDS
QLLRRLDAAFASDVPVQTAFEF
;
_entity_poly.pdbx_strand_id   A
#
loop_
_chem_comp.id
_chem_comp.type
_chem_comp.name
_chem_comp.formula
DMS non-polymer 'DIMETHYL SULFOXIDE' 'C2 H6 O S'
NRV non-polymer N,N-diethyl-2-[(8-fluoro-5-methyl-5H-[1,2,4]triazino[5,6-b]indol-3-yl)sulfanyl]ethan-1-amine 'C16 H20 F N5 S'
SO4 non-polymer 'SULFATE ION' 'O4 S -2'
#
# COMPACT_ATOMS: atom_id res chain seq x y z
N VAL A 23 -5.38 -13.28 -31.80
CA VAL A 23 -5.38 -12.72 -30.41
C VAL A 23 -5.53 -13.88 -29.41
N THR A 24 -4.41 -14.51 -29.04
CA THR A 24 -4.30 -15.62 -28.06
C THR A 24 -3.86 -15.06 -26.69
N LEU A 25 -4.36 -15.63 -25.59
CA LEU A 25 -3.94 -15.31 -24.18
C LEU A 25 -3.23 -16.52 -23.58
N CYS A 26 -1.96 -16.39 -23.18
CA CYS A 26 -1.15 -17.50 -22.60
C CYS A 26 -0.03 -16.98 -21.69
N SER A 27 0.66 -17.90 -21.00
CA SER A 27 1.84 -17.62 -20.15
C SER A 27 3.02 -17.26 -21.05
N PRO A 28 3.78 -16.19 -20.75
CA PRO A 28 4.96 -15.86 -21.56
C PRO A 28 6.07 -16.91 -21.43
N THR A 29 6.68 -17.27 -22.56
CA THR A 29 7.97 -18.01 -22.65
C THR A 29 9.10 -16.97 -22.56
N GLU A 30 10.35 -17.43 -22.49
CA GLU A 30 11.54 -16.55 -22.31
C GLU A 30 11.63 -15.54 -23.47
N ASP A 31 11.15 -15.90 -24.66
CA ASP A 31 11.24 -15.08 -25.90
C ASP A 31 10.25 -13.91 -25.86
N ASP A 32 9.23 -13.97 -25.01
CA ASP A 32 8.15 -12.95 -24.92
C ASP A 32 8.60 -11.73 -24.12
N TRP A 33 9.60 -11.88 -23.24
CA TRP A 33 9.95 -10.82 -22.25
C TRP A 33 10.51 -9.58 -22.94
N PRO A 34 11.45 -9.68 -23.91
CA PRO A 34 11.89 -8.50 -24.65
C PRO A 34 10.71 -7.67 -25.19
N GLY A 35 9.67 -8.32 -25.74
CA GLY A 35 8.44 -7.66 -26.20
C GLY A 35 7.67 -7.02 -25.06
N MET A 36 7.70 -7.64 -23.88
CA MET A 36 7.00 -7.14 -22.66
C MET A 36 7.73 -5.88 -22.15
N PHE A 37 9.07 -5.89 -22.14
CA PHE A 37 9.91 -4.74 -21.74
C PHE A 37 9.67 -3.57 -22.70
N LEU A 38 9.45 -3.84 -23.99
CA LEU A 38 9.14 -2.79 -25.00
C LEU A 38 7.81 -2.13 -24.63
N LEU A 39 6.76 -2.93 -24.46
CA LEU A 39 5.42 -2.46 -24.03
C LEU A 39 5.51 -1.71 -22.68
N ALA A 40 6.39 -2.16 -21.78
CA ALA A 40 6.62 -1.53 -20.46
C ALA A 40 7.19 -0.11 -20.65
N ALA A 41 8.27 -0.01 -21.41
CA ALA A 41 8.95 1.26 -21.75
C ALA A 41 7.92 2.24 -22.33
N ALA A 42 6.99 1.75 -23.16
CA ALA A 42 6.01 2.58 -23.89
C ALA A 42 4.85 2.98 -22.98
N SER A 43 4.57 2.17 -21.96
CA SER A 43 3.33 2.24 -21.14
C SER A 43 3.60 2.95 -19.81
N PHE A 44 4.83 2.83 -19.28
CA PHE A 44 5.20 3.28 -17.91
C PHE A 44 6.38 4.27 -17.98
N THR A 45 6.15 5.51 -17.53
CA THR A 45 7.14 6.61 -17.56
C THR A 45 8.18 6.38 -16.46
N ASP A 46 7.85 5.56 -15.45
CA ASP A 46 8.78 5.24 -14.32
C ASP A 46 9.61 3.99 -14.66
N PHE A 47 9.43 3.37 -15.83
CA PHE A 47 10.22 2.18 -16.24
C PHE A 47 11.70 2.57 -16.31
N ILE A 48 12.58 1.76 -15.71
CA ILE A 48 14.04 2.05 -15.64
C ILE A 48 14.76 1.32 -16.78
N GLY A 49 14.62 -0.01 -16.89
CA GLY A 49 15.24 -0.78 -17.99
C GLY A 49 15.18 -2.28 -17.74
N PRO A 50 15.75 -3.09 -18.66
CA PRO A 50 15.68 -4.56 -18.57
C PRO A 50 16.32 -5.21 -17.32
N GLU A 51 17.48 -4.74 -16.89
CA GLU A 51 18.20 -5.26 -15.69
C GLU A 51 17.31 -5.05 -14.44
N SER A 52 16.69 -3.88 -14.30
CA SER A 52 15.74 -3.49 -13.22
C SER A 52 14.49 -4.38 -13.27
N ALA A 53 13.89 -4.49 -14.46
CA ALA A 53 12.69 -5.31 -14.73
C ALA A 53 12.99 -6.78 -14.41
N THR A 54 14.21 -7.25 -14.71
CA THR A 54 14.66 -8.66 -14.50
C THR A 54 14.78 -8.94 -13.00
N ALA A 55 15.10 -7.92 -12.20
CA ALA A 55 15.13 -8.01 -10.73
C ALA A 55 13.71 -8.22 -10.19
N TRP A 56 12.79 -7.31 -10.53
CA TRP A 56 11.34 -7.40 -10.17
C TRP A 56 10.77 -8.77 -10.57
N ARG A 57 11.20 -9.28 -11.72
CA ARG A 57 10.77 -10.57 -12.32
C ARG A 57 11.03 -11.72 -11.34
N THR A 58 12.05 -11.64 -10.50
CA THR A 58 12.37 -12.71 -9.51
C THR A 58 11.21 -12.88 -8.52
N LEU A 59 10.34 -11.86 -8.35
CA LEU A 59 9.17 -11.88 -7.42
C LEU A 59 7.91 -12.43 -8.09
N VAL A 60 7.98 -12.75 -9.39
CA VAL A 60 6.82 -13.34 -10.12
C VAL A 60 6.95 -14.86 -10.06
N PRO A 61 5.93 -15.58 -9.54
CA PRO A 61 5.98 -17.04 -9.53
C PRO A 61 5.74 -17.63 -10.92
N THR A 62 6.20 -18.87 -11.14
CA THR A 62 5.82 -19.71 -12.30
C THR A 62 4.32 -19.54 -12.57
N ASP A 63 3.94 -19.12 -13.77
CA ASP A 63 2.51 -18.98 -14.19
C ASP A 63 1.84 -17.79 -13.48
N GLY A 64 2.63 -16.79 -13.08
CA GLY A 64 2.13 -15.53 -12.49
C GLY A 64 1.92 -14.44 -13.53
N ALA A 65 2.30 -14.69 -14.79
CA ALA A 65 2.25 -13.72 -15.91
C ALA A 65 1.34 -14.23 -17.02
N VAL A 66 0.55 -13.33 -17.60
CA VAL A 66 -0.17 -13.56 -18.89
C VAL A 66 0.25 -12.47 -19.88
N VAL A 67 0.38 -12.85 -21.16
CA VAL A 67 0.60 -11.94 -22.31
C VAL A 67 -0.49 -12.23 -23.33
N VAL A 68 -0.95 -11.21 -24.06
CA VAL A 68 -1.75 -11.34 -25.30
C VAL A 68 -0.80 -11.09 -26.48
N ARG A 69 -0.64 -12.07 -27.36
CA ARG A 69 0.12 -11.91 -28.64
C ARG A 69 -0.87 -11.58 -29.77
N ASP A 70 -0.40 -10.90 -30.82
CA ASP A 70 -1.18 -10.65 -32.05
C ASP A 70 -0.51 -11.35 -33.24
N GLY A 71 -1.27 -12.19 -33.96
CA GLY A 71 -0.89 -12.81 -35.24
C GLY A 71 0.43 -13.57 -35.16
N SER A 76 5.09 -12.67 -33.80
CA SER A 76 3.94 -12.33 -32.92
C SER A 76 4.41 -11.41 -31.78
N GLU A 77 4.15 -10.10 -31.90
CA GLU A 77 4.48 -9.07 -30.87
C GLU A 77 3.45 -9.10 -29.73
N VAL A 78 3.90 -8.74 -28.53
CA VAL A 78 3.08 -8.68 -27.28
C VAL A 78 2.33 -7.36 -27.30
N VAL A 79 1.00 -7.42 -27.15
CA VAL A 79 0.09 -6.23 -27.17
C VAL A 79 -0.67 -6.14 -25.85
N GLY A 80 -0.39 -7.07 -24.93
CA GLY A 80 -1.08 -7.18 -23.64
C GLY A 80 -0.22 -7.94 -22.64
N MET A 81 -0.20 -7.50 -21.39
CA MET A 81 0.47 -8.27 -20.32
C MET A 81 -0.13 -7.88 -18.97
N ALA A 82 -0.03 -8.80 -18.03
CA ALA A 82 -0.44 -8.64 -16.62
C ALA A 82 0.27 -9.74 -15.85
N LEU A 83 0.69 -9.45 -14.64
CA LEU A 83 1.24 -10.49 -13.74
C LEU A 83 0.90 -10.13 -12.30
N TYR A 84 1.12 -11.07 -11.40
CA TYR A 84 1.09 -10.84 -9.95
C TYR A 84 2.43 -11.31 -9.39
N MET A 85 2.87 -10.65 -8.33
CA MET A 85 4.05 -11.07 -7.53
C MET A 85 3.54 -11.70 -6.24
N ASP A 86 4.34 -12.60 -5.68
CA ASP A 86 4.10 -13.20 -4.34
C ASP A 86 4.50 -12.17 -3.28
N LEU A 87 3.54 -11.65 -2.51
CA LEU A 87 3.78 -10.62 -1.46
C LEU A 87 3.23 -11.12 -0.12
N ARG A 88 3.68 -10.54 0.98
CA ARG A 88 3.21 -10.83 2.36
C ARG A 88 2.67 -9.52 2.94
N LEU A 89 1.34 -9.42 3.09
CA LEU A 89 0.67 -8.19 3.55
C LEU A 89 0.28 -8.36 5.02
N THR A 90 0.74 -7.45 5.89
CA THR A 90 0.31 -7.36 7.29
C THR A 90 -1.09 -6.74 7.32
N VAL A 91 -2.03 -7.37 8.02
CA VAL A 91 -3.42 -6.86 8.22
C VAL A 91 -3.62 -6.69 9.72
N PRO A 92 -4.69 -6.00 10.17
CA PRO A 92 -4.88 -5.72 11.59
C PRO A 92 -4.83 -7.00 12.43
N GLY A 93 -4.31 -6.91 13.65
CA GLY A 93 -3.94 -8.05 14.51
C GLY A 93 -2.55 -8.55 14.21
N GLU A 94 -1.74 -7.78 13.51
CA GLU A 94 -0.33 -8.15 13.15
C GLU A 94 -0.31 -9.52 12.45
N VAL A 95 -1.34 -9.82 11.66
CA VAL A 95 -1.46 -11.07 10.87
C VAL A 95 -0.92 -10.81 9.47
N VAL A 96 -0.04 -11.68 8.97
CA VAL A 96 0.59 -11.62 7.62
C VAL A 96 -0.13 -12.59 6.67
N LEU A 97 -0.75 -12.06 5.60
CA LEU A 97 -1.47 -12.83 4.56
C LEU A 97 -0.61 -12.96 3.31
N PRO A 98 -0.48 -14.16 2.69
CA PRO A 98 0.03 -14.24 1.32
C PRO A 98 -0.91 -13.43 0.43
N THR A 99 -0.34 -12.60 -0.45
CA THR A 99 -1.08 -11.60 -1.26
C THR A 99 -0.57 -11.65 -2.70
N ALA A 100 -1.49 -11.82 -3.65
CA ALA A 100 -1.20 -11.65 -5.09
C ALA A 100 -1.09 -10.15 -5.37
N GLY A 101 0.13 -9.67 -5.62
CA GLY A 101 0.39 -8.27 -6.00
C GLY A 101 0.33 -8.07 -7.50
N LEU A 102 -0.80 -7.57 -8.01
CA LEU A 102 -1.03 -7.29 -9.45
C LEU A 102 -0.12 -6.12 -9.86
N SER A 103 0.55 -6.23 -11.00
CA SER A 103 1.49 -5.21 -11.52
C SER A 103 1.85 -5.50 -12.98
N PHE A 104 2.51 -4.52 -13.62
CA PHE A 104 3.07 -4.63 -14.99
C PHE A 104 1.92 -4.88 -15.97
N VAL A 105 0.77 -4.26 -15.70
CA VAL A 105 -0.48 -4.39 -16.48
C VAL A 105 -0.46 -3.31 -17.55
N ALA A 106 -0.57 -3.71 -18.81
CA ALA A 106 -0.48 -2.80 -19.98
C ALA A 106 -1.20 -3.43 -21.16
N VAL A 107 -1.96 -2.61 -21.87
CA VAL A 107 -2.52 -2.90 -23.22
C VAL A 107 -1.84 -1.94 -24.20
N ALA A 108 -1.29 -2.47 -25.30
CA ALA A 108 -0.68 -1.65 -26.38
C ALA A 108 -1.69 -0.60 -26.81
N PRO A 109 -1.26 0.64 -27.10
CA PRO A 109 -2.20 1.70 -27.48
C PRO A 109 -2.92 1.38 -28.79
N THR A 110 -2.41 0.41 -29.55
CA THR A 110 -2.94 -0.05 -30.85
C THR A 110 -4.08 -1.05 -30.67
N HIS A 111 -4.35 -1.50 -29.44
CA HIS A 111 -5.30 -2.61 -29.12
C HIS A 111 -6.23 -2.25 -27.97
N ARG A 112 -6.50 -0.96 -27.74
CA ARG A 112 -7.47 -0.47 -26.74
C ARG A 112 -8.89 -0.96 -27.07
N ARG A 113 -9.79 -0.87 -26.10
CA ARG A 113 -11.25 -1.13 -26.23
C ARG A 113 -11.50 -2.47 -26.94
N ARG A 114 -10.60 -3.44 -26.75
CA ARG A 114 -10.69 -4.78 -27.38
C ARG A 114 -10.91 -5.85 -26.29
N GLY A 115 -11.16 -5.43 -25.04
CA GLY A 115 -11.42 -6.30 -23.87
C GLY A 115 -10.21 -7.16 -23.49
N LEU A 116 -9.00 -6.69 -23.74
CA LEU A 116 -7.74 -7.43 -23.43
C LEU A 116 -7.49 -7.38 -21.91
N LEU A 117 -7.84 -6.26 -21.27
CA LEU A 117 -7.72 -6.09 -19.79
C LEU A 117 -8.67 -7.08 -19.10
N ARG A 118 -9.98 -6.97 -19.33
CA ARG A 118 -11.04 -7.84 -18.76
C ARG A 118 -10.60 -9.31 -18.89
N ALA A 119 -10.14 -9.72 -20.07
CA ALA A 119 -9.67 -11.09 -20.38
C ALA A 119 -8.45 -11.45 -19.53
N MET A 120 -7.45 -10.56 -19.45
CA MET A 120 -6.18 -10.83 -18.74
C MET A 120 -6.42 -10.88 -17.22
N CYS A 121 -7.20 -9.93 -16.68
CA CYS A 121 -7.55 -9.83 -15.25
C CYS A 121 -8.33 -11.10 -14.85
N ALA A 122 -9.26 -11.54 -15.70
CA ALA A 122 -10.09 -12.75 -15.46
C ALA A 122 -9.18 -13.98 -15.32
N GLU A 123 -8.16 -14.10 -16.17
CA GLU A 123 -7.26 -15.28 -16.19
C GLU A 123 -6.37 -15.24 -14.94
N LEU A 124 -5.85 -14.06 -14.55
CA LEU A 124 -4.97 -13.94 -13.36
C LEU A 124 -5.77 -14.22 -12.09
N HIS A 125 -7.01 -13.74 -12.02
CA HIS A 125 -7.91 -13.96 -10.84
C HIS A 125 -8.24 -15.45 -10.69
N ARG A 126 -8.50 -16.15 -11.80
CA ARG A 126 -8.66 -17.63 -11.85
C ARG A 126 -7.43 -18.26 -11.19
N ARG A 127 -6.23 -17.95 -11.69
CA ARG A 127 -4.94 -18.51 -11.20
C ARG A 127 -4.69 -18.12 -9.74
N ILE A 128 -4.99 -16.88 -9.35
CA ILE A 128 -4.76 -16.37 -7.96
C ILE A 128 -5.67 -17.14 -7.01
N ALA A 129 -6.97 -17.22 -7.33
CA ALA A 129 -8.01 -17.95 -6.57
C ALA A 129 -7.60 -19.42 -6.40
N ASP A 130 -7.21 -20.09 -7.48
CA ASP A 130 -6.88 -21.55 -7.50
C ASP A 130 -5.55 -21.84 -6.78
N SER A 131 -4.68 -20.84 -6.61
CA SER A 131 -3.38 -20.97 -5.92
C SER A 131 -3.56 -20.85 -4.40
N GLY A 132 -4.69 -20.31 -3.93
CA GLY A 132 -5.01 -20.17 -2.49
C GLY A 132 -4.57 -18.84 -1.90
N TYR A 133 -4.47 -17.78 -2.70
CA TYR A 133 -4.29 -16.41 -2.17
C TYR A 133 -5.65 -15.93 -1.66
N PRO A 134 -5.74 -15.52 -0.38
CA PRO A 134 -7.00 -15.00 0.16
C PRO A 134 -7.33 -13.59 -0.38
N VAL A 135 -6.28 -12.81 -0.68
CA VAL A 135 -6.43 -11.41 -1.20
C VAL A 135 -5.45 -11.18 -2.34
N ALA A 136 -5.82 -10.24 -3.21
CA ALA A 136 -4.93 -9.63 -4.22
C ALA A 136 -4.90 -8.12 -3.97
N ALA A 137 -3.79 -7.49 -4.32
CA ALA A 137 -3.56 -6.04 -4.14
C ALA A 137 -2.93 -5.42 -5.40
N LEU A 138 -3.16 -4.13 -5.57
CA LEU A 138 -2.49 -3.33 -6.63
C LEU A 138 -2.44 -1.86 -6.19
N HIS A 139 -1.53 -1.12 -6.84
CA HIS A 139 -1.54 0.37 -6.95
C HIS A 139 -2.16 0.73 -8.30
N ALA A 140 -3.14 1.64 -8.29
CA ALA A 140 -3.91 2.07 -9.48
C ALA A 140 -3.22 3.27 -10.12
N SER A 141 -2.99 3.17 -11.43
CA SER A 141 -2.45 4.29 -12.23
C SER A 141 -3.58 5.30 -12.39
N GLU A 142 -4.81 4.79 -12.44
CA GLU A 142 -6.03 5.63 -12.54
C GLU A 142 -7.04 5.11 -11.53
N GLY A 143 -7.94 5.95 -11.04
CA GLY A 143 -8.87 5.50 -9.99
C GLY A 143 -10.21 5.00 -10.50
N GLY A 144 -10.44 4.99 -11.80
CA GLY A 144 -11.78 4.58 -12.26
C GLY A 144 -11.81 3.27 -13.02
N ILE A 145 -10.74 2.48 -12.91
CA ILE A 145 -10.72 1.23 -13.70
C ILE A 145 -10.64 -0.02 -12.82
N TYR A 146 -10.45 0.08 -11.51
CA TYR A 146 -10.24 -1.20 -10.78
C TYR A 146 -11.43 -1.62 -9.91
N GLY A 147 -12.37 -0.73 -9.65
CA GLY A 147 -13.54 -1.06 -8.83
C GLY A 147 -14.40 -2.12 -9.47
N ARG A 148 -14.47 -2.15 -10.79
CA ARG A 148 -15.31 -3.13 -11.52
C ARG A 148 -14.68 -4.53 -11.47
N PHE A 149 -13.41 -4.65 -11.12
CA PHE A 149 -12.75 -5.98 -10.98
C PHE A 149 -12.70 -6.42 -9.52
N GLY A 150 -13.39 -5.71 -8.64
CA GLY A 150 -13.47 -6.11 -7.21
C GLY A 150 -12.43 -5.50 -6.31
N TYR A 151 -11.63 -4.56 -6.81
CA TYR A 151 -10.60 -3.84 -6.02
C TYR A 151 -11.21 -2.58 -5.40
N GLY A 152 -11.04 -2.39 -4.10
CA GLY A 152 -11.41 -1.16 -3.38
C GLY A 152 -10.18 -0.47 -2.80
N PRO A 153 -10.13 0.88 -2.78
CA PRO A 153 -9.01 1.58 -2.18
C PRO A 153 -8.99 1.29 -0.68
N ALA A 154 -7.85 0.82 -0.16
CA ALA A 154 -7.73 0.24 1.19
C ALA A 154 -6.80 1.06 2.09
N THR A 155 -5.91 1.89 1.56
CA THR A 155 -4.99 2.77 2.33
C THR A 155 -4.97 4.16 1.70
N THR A 156 -4.76 5.21 2.51
CA THR A 156 -4.74 6.62 2.04
C THR A 156 -3.35 7.22 2.22
N LEU A 157 -2.79 7.78 1.15
CA LEU A 157 -1.55 8.60 1.16
C LEU A 157 -1.94 10.07 1.41
N HIS A 158 -1.22 10.71 2.33
CA HIS A 158 -1.18 12.18 2.57
C HIS A 158 0.23 12.69 2.30
N GLU A 159 0.37 13.69 1.43
CA GLU A 159 1.60 14.51 1.35
C GLU A 159 1.48 15.62 2.40
N LEU A 160 2.43 15.65 3.34
CA LEU A 160 2.66 16.78 4.26
C LEU A 160 3.85 17.58 3.74
N THR A 161 3.67 18.89 3.68
CA THR A 161 4.74 19.87 3.42
C THR A 161 4.86 20.74 4.66
N VAL A 162 6.02 20.70 5.32
CA VAL A 162 6.32 21.54 6.52
C VAL A 162 7.11 22.77 6.06
N ASP A 163 6.64 23.98 6.40
CA ASP A 163 7.51 25.20 6.33
C ASP A 163 8.35 25.18 7.61
N ARG A 164 9.57 24.64 7.49
CA ARG A 164 10.45 24.32 8.64
C ARG A 164 11.09 25.58 9.21
N ARG A 165 10.96 26.74 8.55
CA ARG A 165 11.50 28.03 9.09
C ARG A 165 10.66 28.49 10.29
N PHE A 166 9.39 28.11 10.39
CA PHE A 166 8.49 28.49 11.52
C PHE A 166 8.32 27.34 12.52
N ALA A 167 8.85 26.15 12.21
CA ALA A 167 8.59 24.89 12.96
C ALA A 167 9.31 24.93 14.31
N ARG A 168 8.54 24.97 15.40
CA ARG A 168 9.03 24.80 16.80
C ARG A 168 8.34 23.55 17.36
N PHE A 169 9.11 22.65 17.98
CA PHE A 169 8.57 21.47 18.68
C PHE A 169 7.85 21.90 19.95
N HIS A 170 6.78 21.20 20.28
CA HIS A 170 5.97 21.38 21.51
C HIS A 170 6.82 20.98 22.72
N ALA A 171 6.57 21.59 23.88
CA ALA A 171 7.22 21.25 25.17
C ALA A 171 7.05 19.76 25.47
N ASP A 172 5.96 19.13 24.99
CA ASP A 172 5.57 17.73 25.28
C ASP A 172 6.28 16.74 24.34
N ALA A 173 6.89 17.22 23.25
CA ALA A 173 7.48 16.38 22.19
C ALA A 173 8.73 15.67 22.70
N PRO A 174 8.88 14.34 22.51
CA PRO A 174 10.04 13.60 23.01
C PRO A 174 11.40 14.12 22.49
N GLY A 175 12.48 13.83 23.24
CA GLY A 175 13.87 14.17 22.89
C GLY A 175 14.12 15.68 22.85
N GLY A 176 13.62 16.42 23.86
CA GLY A 176 13.74 17.89 23.96
C GLY A 176 14.03 18.33 25.38
N GLY A 179 20.90 16.77 26.59
CA GLY A 179 22.03 15.88 26.24
C GLY A 179 22.30 15.91 24.74
N GLY A 180 22.61 14.74 24.16
CA GLY A 180 23.09 14.57 22.77
C GLY A 180 22.12 13.73 21.92
N SER A 181 22.10 13.97 20.61
CA SER A 181 21.19 13.31 19.64
C SER A 181 21.58 11.85 19.44
N SER A 182 20.58 10.97 19.34
CA SER A 182 20.73 9.52 19.03
C SER A 182 20.60 9.29 17.51
N VAL A 183 20.22 10.32 16.75
CA VAL A 183 20.11 10.29 15.25
C VAL A 183 21.47 10.60 14.63
N ARG A 184 21.90 9.81 13.64
CA ARG A 184 23.14 10.01 12.85
C ARG A 184 22.78 10.32 11.39
N LEU A 185 23.50 11.26 10.76
CA LEU A 185 23.45 11.51 9.29
C LEU A 185 24.43 10.55 8.60
N VAL A 186 23.95 9.67 7.72
CA VAL A 186 24.80 8.59 7.12
C VAL A 186 24.53 8.46 5.62
N ARG A 187 25.48 7.83 4.93
CA ARG A 187 25.33 7.37 3.52
C ARG A 187 24.40 6.16 3.55
N PRO A 188 23.25 6.20 2.85
CA PRO A 188 22.32 5.08 2.84
C PRO A 188 23.00 3.72 2.60
N THR A 189 23.91 3.68 1.63
CA THR A 189 24.53 2.43 1.11
C THR A 189 25.34 1.71 2.20
N GLU A 190 25.91 2.44 3.18
CA GLU A 190 26.82 1.89 4.22
C GLU A 190 26.05 1.31 5.41
N HIS A 191 24.72 1.46 5.47
CA HIS A 191 23.86 1.07 6.63
C HIS A 191 22.60 0.34 6.15
N ARG A 192 22.71 -0.39 5.04
CA ARG A 192 21.65 -1.24 4.44
C ARG A 192 21.06 -2.16 5.51
N GLY A 193 21.92 -2.93 6.19
CA GLY A 193 21.57 -3.91 7.23
C GLY A 193 20.71 -3.30 8.34
N GLU A 194 21.04 -2.09 8.77
CA GLU A 194 20.28 -1.38 9.85
C GLU A 194 18.90 -0.98 9.32
N PHE A 195 18.79 -0.52 8.06
CA PHE A 195 17.50 -0.12 7.43
C PHE A 195 16.61 -1.36 7.26
N GLU A 196 17.18 -2.45 6.77
CA GLU A 196 16.47 -3.74 6.53
C GLU A 196 15.81 -4.18 7.85
N ALA A 197 16.60 -4.23 8.93
CA ALA A 197 16.15 -4.70 10.25
C ALA A 197 15.05 -3.77 10.79
N ILE A 198 15.18 -2.46 10.62
CA ILE A 198 14.19 -1.48 11.15
C ILE A 198 12.87 -1.67 10.39
N TYR A 199 12.95 -1.79 9.05
CA TYR A 199 11.79 -1.96 8.14
C TYR A 199 11.10 -3.29 8.47
N GLU A 200 11.89 -4.35 8.64
CA GLU A 200 11.36 -5.71 8.94
C GLU A 200 10.50 -5.65 10.21
N ARG A 201 10.99 -4.98 11.26
CA ARG A 201 10.21 -4.74 12.51
C ARG A 201 8.95 -3.91 12.20
N TRP A 202 9.08 -2.82 11.44
CA TRP A 202 7.97 -1.91 11.08
C TRP A 202 6.85 -2.70 10.39
N ARG A 203 7.20 -3.50 9.38
CA ARG A 203 6.20 -4.09 8.45
C ARG A 203 5.38 -5.17 9.17
N GLN A 204 5.97 -5.86 10.16
CA GLN A 204 5.29 -6.95 10.91
C GLN A 204 4.25 -6.40 11.88
N GLN A 205 4.27 -5.09 12.10
CA GLN A 205 3.61 -4.42 13.24
C GLN A 205 2.50 -3.48 12.72
N VAL A 206 2.46 -3.22 11.42
CA VAL A 206 1.62 -2.13 10.83
C VAL A 206 0.74 -2.71 9.72
N PRO A 207 -0.60 -2.52 9.78
CA PRO A 207 -1.47 -2.83 8.64
C PRO A 207 -1.10 -2.03 7.39
N GLY A 208 -1.04 -2.72 6.25
CA GLY A 208 -0.45 -2.21 5.00
C GLY A 208 1.00 -2.63 4.84
N GLY A 209 1.64 -3.16 5.90
CA GLY A 209 3.05 -3.58 5.86
C GLY A 209 3.28 -4.65 4.81
N LEU A 210 4.35 -4.53 4.01
CA LEU A 210 4.78 -5.55 3.03
C LEU A 210 6.23 -5.96 3.30
N LEU A 211 6.50 -7.26 3.29
CA LEU A 211 7.88 -7.79 3.26
C LEU A 211 8.55 -7.19 2.01
N ARG A 212 9.72 -6.58 2.18
CA ARG A 212 10.56 -6.05 1.07
C ARG A 212 11.73 -6.99 0.83
N PRO A 213 11.75 -7.78 -0.26
CA PRO A 213 12.88 -8.69 -0.55
C PRO A 213 14.18 -8.00 -0.97
N GLN A 214 15.27 -8.77 -1.02
CA GLN A 214 16.64 -8.27 -1.34
C GLN A 214 16.62 -7.39 -2.60
N VAL A 215 15.98 -7.84 -3.67
CA VAL A 215 16.02 -7.14 -4.99
C VAL A 215 15.33 -5.78 -4.89
N LEU A 216 14.38 -5.59 -3.97
CA LEU A 216 13.71 -4.28 -3.81
C LEU A 216 14.58 -3.34 -2.97
N TRP A 217 15.41 -3.87 -2.07
CA TRP A 217 16.46 -3.10 -1.35
C TRP A 217 17.60 -2.71 -2.32
N ASP A 218 17.95 -3.57 -3.29
CA ASP A 218 18.96 -3.24 -4.35
C ASP A 218 18.46 -2.03 -5.14
N GLU A 219 17.18 -2.05 -5.52
CA GLU A 219 16.50 -0.97 -6.31
C GLU A 219 16.43 0.31 -5.49
N LEU A 220 16.07 0.22 -4.20
CA LEU A 220 15.90 1.42 -3.33
C LEU A 220 17.23 2.17 -3.20
N LEU A 221 18.34 1.45 -2.99
CA LEU A 221 19.69 2.05 -2.82
C LEU A 221 20.25 2.48 -4.18
N ALA A 222 19.83 1.87 -5.29
CA ALA A 222 20.20 2.30 -6.66
C ALA A 222 19.56 3.67 -6.93
N GLU A 223 18.27 3.84 -6.65
CA GLU A 223 17.49 5.09 -6.86
C GLU A 223 17.93 6.17 -5.85
N ALA A 224 18.79 5.81 -4.89
CA ALA A 224 19.31 6.75 -3.85
C ALA A 224 20.59 7.44 -4.33
N LYS A 225 21.24 6.94 -5.40
CA LYS A 225 22.44 7.58 -6.01
C LYS A 225 21.98 8.81 -6.82
N ALA A 226 22.86 9.80 -6.97
CA ALA A 226 22.69 10.94 -7.89
C ALA A 226 22.78 10.42 -9.32
N ALA A 227 21.81 10.75 -10.16
CA ALA A 227 21.79 10.40 -11.61
C ALA A 227 22.25 11.63 -12.39
N PRO A 228 23.22 11.50 -13.33
CA PRO A 228 23.64 12.64 -14.16
C PRO A 228 22.42 13.27 -14.86
N GLY A 229 22.11 14.52 -14.54
CA GLY A 229 20.93 15.25 -15.05
C GLY A 229 19.62 14.63 -14.57
N GLY A 230 19.65 13.87 -13.47
CA GLY A 230 18.47 13.29 -12.82
C GLY A 230 18.35 13.77 -11.38
N ASP A 231 18.03 12.86 -10.46
CA ASP A 231 17.82 13.15 -9.02
C ASP A 231 19.19 13.39 -8.35
N ARG A 232 19.18 14.08 -7.21
CA ARG A 232 20.39 14.39 -6.40
C ARG A 232 20.67 13.23 -5.43
N GLU A 233 21.88 13.14 -4.89
CA GLU A 233 22.32 12.14 -3.89
C GLU A 233 21.30 12.14 -2.73
N SER A 234 20.95 10.96 -2.22
CA SER A 234 20.06 10.76 -1.05
C SER A 234 20.90 10.56 0.21
N PHE A 235 20.44 11.10 1.33
CA PHE A 235 21.09 10.95 2.65
C PHE A 235 20.10 10.24 3.56
N ALA A 236 20.62 9.60 4.62
CA ALA A 236 19.81 8.88 5.62
C ALA A 236 20.00 9.54 6.98
N LEU A 237 18.92 9.57 7.76
CA LEU A 237 18.92 9.86 9.21
C LEU A 237 18.64 8.53 9.90
N LEU A 238 19.57 8.05 10.73
CA LEU A 238 19.55 6.69 11.30
C LEU A 238 19.43 6.78 12.81
N HIS A 239 18.37 6.21 13.37
CA HIS A 239 18.08 6.06 14.81
C HIS A 239 18.05 4.55 15.07
N PRO A 240 18.35 4.05 16.29
CA PRO A 240 18.25 2.62 16.56
C PRO A 240 16.90 2.00 16.17
N ASP A 241 15.82 2.81 16.20
CA ASP A 241 14.40 2.38 16.04
C ASP A 241 13.70 3.16 14.89
N GLY A 242 14.46 3.70 13.94
CA GLY A 242 13.89 4.45 12.80
C GLY A 242 14.94 4.98 11.83
N TYR A 243 14.55 5.22 10.59
CA TYR A 243 15.36 5.91 9.56
C TYR A 243 14.43 6.76 8.69
N ALA A 244 14.99 7.81 8.11
CA ALA A 244 14.40 8.62 7.03
C ALA A 244 15.40 8.67 5.87
N LEU A 245 14.96 8.36 4.65
CA LEU A 245 15.70 8.66 3.39
C LEU A 245 15.15 9.96 2.83
N TYR A 246 16.03 10.89 2.48
CA TYR A 246 15.66 12.21 1.94
C TYR A 246 16.67 12.62 0.87
N ARG A 247 16.22 13.48 -0.03
CA ARG A 247 17.05 14.13 -1.07
C ARG A 247 16.49 15.54 -1.31
N VAL A 248 17.35 16.46 -1.76
CA VAL A 248 16.92 17.80 -2.25
C VAL A 248 16.29 17.60 -3.62
N ASP A 249 15.18 18.30 -3.88
CA ASP A 249 14.44 18.26 -5.16
C ASP A 249 15.38 18.70 -6.30
N ARG A 250 15.22 18.10 -7.49
CA ARG A 250 15.99 18.42 -8.74
C ARG A 250 16.01 19.92 -9.02
N THR A 251 14.84 20.57 -8.97
CA THR A 251 14.60 21.92 -9.55
C THR A 251 14.48 22.97 -8.43
N ASP A 252 13.77 22.64 -7.34
CA ASP A 252 13.53 23.55 -6.19
C ASP A 252 14.53 23.19 -5.08
N LEU A 253 15.66 23.90 -5.01
CA LEU A 253 16.79 23.53 -4.12
C LEU A 253 16.51 23.99 -2.68
N LYS A 254 15.32 24.53 -2.39
CA LYS A 254 14.90 24.86 -1.00
C LYS A 254 13.89 23.82 -0.49
N LEU A 255 13.60 22.75 -1.24
CA LEU A 255 12.65 21.66 -0.86
C LEU A 255 13.42 20.34 -0.66
N ALA A 256 13.28 19.70 0.51
CA ALA A 256 13.78 18.33 0.79
C ALA A 256 12.60 17.35 0.72
N ARG A 257 12.73 16.33 -0.13
CA ARG A 257 11.71 15.27 -0.29
C ARG A 257 12.14 14.07 0.57
N VAL A 258 11.33 13.74 1.57
CA VAL A 258 11.50 12.49 2.37
C VAL A 258 10.87 11.34 1.58
N SER A 259 11.71 10.49 0.96
CA SER A 259 11.26 9.36 0.10
C SER A 259 10.70 8.24 0.99
N GLU A 260 11.24 8.09 2.20
CA GLU A 260 10.85 7.01 3.14
C GLU A 260 11.19 7.40 4.59
N LEU A 261 10.23 7.25 5.51
CA LEU A 261 10.48 7.42 6.95
C LEU A 261 9.77 6.28 7.69
N ARG A 262 10.55 5.41 8.31
CA ARG A 262 10.05 4.20 9.02
C ARG A 262 10.50 4.29 10.47
N ALA A 263 9.55 4.50 11.38
CA ALA A 263 9.77 4.61 12.84
C ALA A 263 8.97 3.52 13.55
N VAL A 264 9.60 2.85 14.50
CA VAL A 264 9.05 1.68 15.25
C VAL A 264 8.51 2.16 16.61
N THR A 265 9.05 3.27 17.15
CA THR A 265 8.63 3.90 18.43
C THR A 265 8.33 5.38 18.17
N ALA A 266 7.59 6.05 19.06
CA ALA A 266 7.31 7.50 18.98
C ALA A 266 8.60 8.30 19.18
N ASP A 267 9.52 7.82 20.03
CA ASP A 267 10.84 8.46 20.27
C ASP A 267 11.59 8.60 18.93
N ALA A 268 11.68 7.51 18.17
CA ALA A 268 12.36 7.45 16.85
C ALA A 268 11.69 8.44 15.90
N HIS A 269 10.36 8.44 15.83
CA HIS A 269 9.55 9.28 14.90
C HIS A 269 9.84 10.76 15.18
N CYS A 270 9.77 11.18 16.44
CA CYS A 270 10.02 12.60 16.84
C CYS A 270 11.49 13.00 16.59
N ALA A 271 12.44 12.14 16.97
CA ALA A 271 13.90 12.37 16.81
C ALA A 271 14.22 12.60 15.32
N LEU A 272 13.69 11.76 14.45
CA LEU A 272 13.93 11.89 12.98
C LEU A 272 13.36 13.23 12.49
N TRP A 273 12.24 13.69 13.05
CA TRP A 273 11.62 14.98 12.64
C TRP A 273 12.39 16.16 13.21
N ARG A 274 12.94 16.07 14.42
CA ARG A 274 13.87 17.11 14.94
C ARG A 274 15.03 17.26 13.95
N ALA A 275 15.59 16.16 13.47
CA ALA A 275 16.73 16.18 12.51
C ALA A 275 16.28 16.84 11.20
N LEU A 276 15.16 16.41 10.61
CA LEU A 276 14.65 16.94 9.31
C LEU A 276 14.36 18.45 9.42
N ILE A 277 13.70 18.90 10.49
CA ILE A 277 13.45 20.35 10.76
C ILE A 277 14.80 21.07 10.93
N GLY A 278 15.84 20.34 11.37
CA GLY A 278 17.22 20.84 11.47
C GLY A 278 17.92 21.03 10.12
N LEU A 279 17.30 20.68 8.98
CA LEU A 279 17.88 21.01 7.65
C LEU A 279 17.66 22.51 7.38
N ASP A 280 18.57 23.37 7.87
CA ASP A 280 18.40 24.84 7.94
C ASP A 280 18.49 25.49 6.54
N SER A 281 19.16 24.87 5.57
CA SER A 281 19.25 25.36 4.16
C SER A 281 17.90 25.22 3.41
N MET A 282 17.00 24.32 3.86
CA MET A 282 15.69 24.05 3.20
C MET A 282 14.62 24.97 3.77
N GLU A 283 13.66 25.40 2.94
CA GLU A 283 12.43 26.14 3.36
C GLU A 283 11.30 25.15 3.69
N ARG A 284 11.27 24.03 2.97
CA ARG A 284 10.15 23.05 2.97
C ARG A 284 10.72 21.62 3.02
N ILE A 285 10.12 20.79 3.88
CA ILE A 285 10.26 19.31 3.90
C ILE A 285 8.92 18.75 3.43
N SER A 286 8.92 17.90 2.41
CA SER A 286 7.71 17.18 1.93
C SER A 286 7.89 15.68 2.17
N ILE A 287 6.82 15.01 2.55
CA ILE A 287 6.78 13.53 2.78
C ILE A 287 5.41 13.00 2.34
N ILE A 288 5.40 11.79 1.77
CA ILE A 288 4.15 10.99 1.58
C ILE A 288 4.04 10.07 2.81
N THR A 289 3.00 10.30 3.60
CA THR A 289 2.71 9.62 4.88
C THR A 289 1.22 9.23 4.90
N HIS A 290 0.61 9.08 6.08
CA HIS A 290 -0.78 8.60 6.25
C HIS A 290 -1.59 9.63 7.01
N PRO A 291 -2.95 9.56 6.96
CA PRO A 291 -3.79 10.56 7.62
C PRO A 291 -3.56 10.66 9.13
N GLN A 292 -3.08 9.60 9.79
CA GLN A 292 -2.89 9.59 11.26
C GLN A 292 -1.43 9.90 11.64
N ASP A 293 -0.61 10.41 10.71
CA ASP A 293 0.79 10.80 11.04
C ASP A 293 0.75 11.80 12.19
N PRO A 294 1.44 11.54 13.32
CA PRO A 294 1.39 12.43 14.48
C PRO A 294 2.20 13.73 14.34
N LEU A 295 2.98 13.90 13.28
CA LEU A 295 3.89 15.06 13.07
C LEU A 295 3.20 16.39 13.39
N PRO A 296 1.96 16.67 12.90
CA PRO A 296 1.34 17.98 13.12
C PRO A 296 1.25 18.30 14.61
N HIS A 297 1.04 17.28 15.45
CA HIS A 297 0.87 17.41 16.92
C HIS A 297 2.22 17.55 17.64
N LEU A 298 3.35 17.30 16.96
CA LEU A 298 4.69 17.51 17.53
C LEU A 298 5.03 19.00 17.56
N LEU A 299 4.30 19.85 16.83
CA LEU A 299 4.64 21.29 16.65
C LEU A 299 3.68 22.17 17.45
N THR A 300 4.15 23.33 17.89
CA THR A 300 3.34 24.37 18.57
C THR A 300 2.26 24.89 17.62
N ASP A 301 2.50 24.78 16.30
CA ASP A 301 1.58 25.23 15.23
C ASP A 301 1.29 24.05 14.29
N THR A 302 0.24 23.29 14.59
CA THR A 302 -0.21 22.10 13.81
C THR A 302 -0.32 22.46 12.32
N ARG A 303 -0.71 23.69 12.01
CA ARG A 303 -1.00 24.18 10.63
C ARG A 303 0.26 24.21 9.75
N LEU A 304 1.45 24.32 10.33
CA LEU A 304 2.73 24.40 9.57
C LEU A 304 2.97 23.12 8.78
N ALA A 305 2.40 21.99 9.20
CA ALA A 305 2.41 20.72 8.43
C ALA A 305 1.16 20.66 7.55
N ARG A 306 1.19 21.30 6.38
CA ARG A 306 0.04 21.43 5.44
C ARG A 306 -0.12 20.11 4.66
N THR A 307 -1.36 19.66 4.47
CA THR A 307 -1.73 18.56 3.54
C THR A 307 -1.90 19.16 2.15
N THR A 308 -0.93 18.90 1.26
CA THR A 308 -0.83 19.43 -0.12
C THR A 308 -1.57 18.51 -1.10
N TRP A 309 -1.68 17.21 -0.79
CA TRP A 309 -2.04 16.12 -1.72
C TRP A 309 -2.57 14.90 -0.96
N ARG A 310 -3.57 14.22 -1.51
CA ARG A 310 -4.26 13.09 -0.85
C ARG A 310 -4.77 12.12 -1.92
N GLN A 311 -4.47 10.84 -1.80
CA GLN A 311 -4.81 9.84 -2.84
C GLN A 311 -4.89 8.44 -2.23
N ASP A 312 -5.69 7.58 -2.86
CA ASP A 312 -5.74 6.11 -2.61
C ASP A 312 -4.32 5.54 -2.74
N GLY A 313 -3.95 4.60 -1.87
CA GLY A 313 -2.65 3.91 -1.90
C GLY A 313 -2.78 2.50 -2.46
N LEU A 314 -2.80 1.51 -1.57
CA LEU A 314 -2.99 0.07 -1.91
C LEU A 314 -4.47 -0.18 -2.17
N TRP A 315 -4.80 -0.93 -3.23
CA TRP A 315 -6.17 -1.42 -3.50
C TRP A 315 -6.22 -2.91 -3.18
N LEU A 316 -7.30 -3.36 -2.53
CA LEU A 316 -7.47 -4.77 -2.12
C LEU A 316 -8.66 -5.35 -2.86
N ARG A 317 -8.47 -6.54 -3.43
CA ARG A 317 -9.59 -7.44 -3.83
C ARG A 317 -9.54 -8.66 -2.91
N ILE A 318 -10.62 -8.88 -2.16
CA ILE A 318 -10.84 -10.08 -1.30
C ILE A 318 -11.16 -11.25 -2.26
N MET A 319 -10.27 -12.24 -2.36
CA MET A 319 -10.42 -13.41 -3.27
C MET A 319 -11.34 -14.45 -2.63
N ASN A 320 -11.22 -14.61 -1.32
CA ASN A 320 -11.96 -15.56 -0.46
C ASN A 320 -12.48 -14.79 0.76
N VAL A 321 -13.79 -14.55 0.83
CA VAL A 321 -14.39 -13.67 1.87
C VAL A 321 -14.21 -14.32 3.23
N PRO A 322 -14.66 -15.59 3.43
CA PRO A 322 -14.53 -16.22 4.74
C PRO A 322 -13.06 -16.31 5.20
N ALA A 323 -12.13 -16.67 4.32
CA ALA A 323 -10.69 -16.81 4.70
C ALA A 323 -10.14 -15.46 5.15
N ALA A 324 -10.40 -14.39 4.40
CA ALA A 324 -9.92 -13.02 4.70
C ALA A 324 -10.52 -12.54 6.02
N LEU A 325 -11.84 -12.53 6.14
CA LEU A 325 -12.57 -12.01 7.34
C LEU A 325 -12.11 -12.77 8.58
N GLU A 326 -11.90 -14.09 8.47
CA GLU A 326 -11.50 -14.93 9.64
C GLU A 326 -10.03 -14.68 10.00
N ALA A 327 -9.19 -14.24 9.06
CA ALA A 327 -7.72 -14.14 9.27
C ALA A 327 -7.32 -12.87 10.05
N ARG A 328 -8.05 -11.77 9.92
CA ARG A 328 -7.68 -10.47 10.57
C ARG A 328 -8.23 -10.41 12.00
N GLY A 329 -7.58 -9.61 12.86
CA GLY A 329 -8.06 -9.27 14.21
C GLY A 329 -9.11 -8.16 14.13
N TYR A 330 -9.99 -8.08 15.13
CA TYR A 330 -11.06 -7.05 15.23
C TYR A 330 -10.91 -6.35 16.58
N ALA A 331 -11.51 -5.17 16.71
CA ALA A 331 -11.46 -4.36 17.95
C ALA A 331 -12.02 -5.22 19.10
N HIS A 332 -11.28 -5.30 20.21
CA HIS A 332 -11.72 -6.09 21.39
C HIS A 332 -12.67 -5.26 22.26
N GLU A 333 -12.89 -3.99 21.87
CA GLU A 333 -13.79 -3.09 22.63
C GLU A 333 -15.23 -3.26 22.13
N VAL A 334 -15.40 -3.96 21.01
CA VAL A 334 -16.76 -4.19 20.43
C VAL A 334 -17.35 -5.46 21.05
N GLY A 335 -18.57 -5.37 21.58
CA GLY A 335 -19.25 -6.52 22.20
C GLY A 335 -19.69 -7.54 21.17
N GLU A 336 -19.54 -8.83 21.48
CA GLU A 336 -19.94 -9.92 20.54
C GLU A 336 -21.28 -9.58 19.87
N PHE A 337 -21.34 -9.65 18.54
CA PHE A 337 -22.56 -9.47 17.70
C PHE A 337 -22.48 -10.40 16.48
N SER A 338 -23.64 -10.69 15.90
CA SER A 338 -23.84 -11.59 14.74
C SER A 338 -24.63 -10.84 13.68
N THR A 339 -24.39 -11.15 12.41
CA THR A 339 -25.12 -10.53 11.29
C THR A 339 -24.97 -11.44 10.07
N VAL A 340 -25.66 -11.10 8.99
CA VAL A 340 -25.52 -11.79 7.69
C VAL A 340 -25.05 -10.75 6.66
N LEU A 341 -23.85 -10.98 6.14
CA LEU A 341 -23.20 -10.18 5.08
C LEU A 341 -23.42 -10.89 3.74
N GLU A 342 -24.09 -10.23 2.79
CA GLU A 342 -24.06 -10.61 1.36
C GLU A 342 -23.03 -9.75 0.63
N VAL A 343 -22.01 -10.38 0.05
CA VAL A 343 -21.15 -9.81 -1.03
C VAL A 343 -21.81 -10.15 -2.37
N SER A 344 -22.19 -9.14 -3.17
CA SER A 344 -22.73 -9.32 -4.55
C SER A 344 -21.86 -10.30 -5.32
N ASP A 345 -22.46 -11.36 -5.87
CA ASP A 345 -21.77 -12.35 -6.74
C ASP A 345 -20.51 -12.89 -6.03
N GLY A 346 -20.51 -12.93 -4.69
CA GLY A 346 -19.33 -13.34 -3.89
C GLY A 346 -19.70 -14.15 -2.64
N GLY A 347 -20.99 -14.47 -2.45
CA GLY A 347 -21.49 -15.37 -1.38
C GLY A 347 -22.25 -14.63 -0.29
N ARG A 348 -23.03 -15.35 0.50
CA ARG A 348 -23.67 -14.82 1.73
C ARG A 348 -23.19 -15.61 2.95
N PHE A 349 -22.89 -14.90 4.04
CA PHE A 349 -22.19 -15.45 5.23
C PHE A 349 -22.85 -14.98 6.53
N ALA A 350 -23.02 -15.91 7.47
CA ALA A 350 -23.26 -15.64 8.89
C ALA A 350 -21.93 -15.16 9.49
N LEU A 351 -21.90 -13.91 9.94
CA LEU A 351 -20.68 -13.26 10.46
C LEU A 351 -20.86 -13.05 11.95
N LYS A 352 -20.06 -13.75 12.76
CA LYS A 352 -20.04 -13.64 14.23
C LYS A 352 -18.68 -13.04 14.62
N ILE A 353 -18.70 -11.86 15.23
CA ILE A 353 -17.45 -11.17 15.66
C ILE A 353 -17.44 -11.09 17.19
N GLY A 354 -16.40 -11.60 17.82
CA GLY A 354 -16.31 -11.59 19.29
C GLY A 354 -14.89 -11.68 19.77
N ASP A 355 -14.57 -10.88 20.79
CA ASP A 355 -13.20 -10.72 21.36
C ASP A 355 -12.12 -10.78 20.28
N GLY A 356 -12.19 -9.82 19.36
CA GLY A 356 -11.25 -9.59 18.25
C GLY A 356 -11.05 -10.75 17.32
N ARG A 357 -12.04 -11.60 17.14
CA ARG A 357 -11.92 -12.79 16.27
C ARG A 357 -13.22 -12.89 15.48
N ALA A 358 -13.17 -13.46 14.29
CA ALA A 358 -14.41 -13.60 13.52
C ALA A 358 -14.60 -15.03 13.02
N ARG A 359 -15.84 -15.51 13.11
CA ARG A 359 -16.25 -16.75 12.42
C ARG A 359 -17.22 -16.35 11.31
N CYS A 360 -17.04 -16.94 10.12
CA CYS A 360 -17.72 -16.59 8.86
C CYS A 360 -18.12 -17.87 8.13
N THR A 361 -19.41 -18.22 8.16
CA THR A 361 -19.95 -19.52 7.66
C THR A 361 -21.04 -19.30 6.61
N PRO A 362 -21.14 -20.19 5.58
CA PRO A 362 -22.20 -20.08 4.59
C PRO A 362 -23.56 -20.07 5.29
N THR A 363 -24.50 -19.25 4.81
CA THR A 363 -25.90 -19.25 5.27
C THR A 363 -26.78 -18.90 4.08
N ASP A 364 -28.07 -19.22 4.14
CA ASP A 364 -29.08 -18.74 3.17
C ASP A 364 -30.09 -17.85 3.91
N ALA A 365 -29.87 -17.58 5.21
CA ALA A 365 -30.65 -16.61 6.02
C ALA A 365 -30.71 -15.27 5.27
N ALA A 366 -31.77 -14.47 5.52
CA ALA A 366 -31.93 -13.11 4.94
C ALA A 366 -30.72 -12.24 5.30
N ALA A 367 -30.13 -11.58 4.30
CA ALA A 367 -28.99 -10.65 4.48
C ALA A 367 -29.44 -9.41 5.27
N GLU A 368 -28.59 -8.94 6.18
CA GLU A 368 -28.80 -7.70 6.96
C GLU A 368 -27.88 -6.58 6.43
N ILE A 369 -26.77 -6.95 5.78
CA ILE A 369 -25.77 -6.01 5.20
C ILE A 369 -25.38 -6.54 3.82
N GLU A 370 -25.52 -5.70 2.78
CA GLU A 370 -25.14 -6.00 1.37
C GLU A 370 -24.05 -5.03 0.92
N MET A 371 -23.09 -5.49 0.12
CA MET A 371 -22.02 -4.64 -0.45
C MET A 371 -21.34 -5.40 -1.58
N ASP A 372 -20.85 -4.68 -2.60
CA ASP A 372 -19.99 -5.22 -3.68
C ASP A 372 -18.65 -5.65 -3.05
N ARG A 373 -17.91 -6.53 -3.72
CA ARG A 373 -16.64 -7.09 -3.22
C ARG A 373 -15.62 -5.96 -2.98
N ASP A 374 -15.57 -4.96 -3.85
CA ASP A 374 -14.60 -3.84 -3.73
C ASP A 374 -14.81 -3.08 -2.41
N VAL A 375 -16.07 -2.88 -1.99
CA VAL A 375 -16.41 -2.16 -0.73
C VAL A 375 -15.80 -2.92 0.44
N LEU A 376 -15.78 -4.25 0.38
CA LEU A 376 -15.18 -5.08 1.45
C LEU A 376 -13.67 -4.83 1.47
N GLY A 377 -13.01 -4.79 0.31
CA GLY A 377 -11.57 -4.48 0.22
C GLY A 377 -11.22 -3.19 0.92
N SER A 378 -12.05 -2.15 0.71
CA SER A 378 -11.92 -0.79 1.30
C SER A 378 -12.07 -0.80 2.83
N LEU A 379 -12.87 -1.72 3.39
CA LEU A 379 -13.13 -1.82 4.85
C LEU A 379 -12.02 -2.63 5.51
N TYR A 380 -11.36 -3.51 4.74
CA TYR A 380 -10.64 -4.67 5.29
C TYR A 380 -9.50 -4.21 6.20
N LEU A 381 -8.78 -3.13 5.88
CA LEU A 381 -7.60 -2.67 6.66
C LEU A 381 -7.97 -1.51 7.61
N GLY A 382 -9.25 -1.11 7.68
CA GLY A 382 -9.74 -0.11 8.64
C GLY A 382 -9.54 1.33 8.18
N ALA A 383 -9.24 1.58 6.91
CA ALA A 383 -8.96 2.93 6.37
C ALA A 383 -10.27 3.69 6.13
N HIS A 384 -11.35 3.00 5.80
CA HIS A 384 -12.67 3.60 5.48
C HIS A 384 -13.69 3.13 6.51
N ARG A 385 -14.51 4.05 7.03
CA ARG A 385 -15.60 3.74 7.98
C ARG A 385 -16.78 3.21 7.17
N ALA A 386 -17.40 2.12 7.65
CA ALA A 386 -18.64 1.53 7.10
C ALA A 386 -19.75 2.58 7.02
N SER A 387 -19.87 3.46 8.02
CA SER A 387 -20.84 4.60 8.06
C SER A 387 -20.71 5.46 6.80
N THR A 388 -19.49 5.71 6.35
CA THR A 388 -19.19 6.59 5.20
C THR A 388 -19.66 5.91 3.90
N LEU A 389 -19.29 4.64 3.72
CA LEU A 389 -19.69 3.86 2.52
C LEU A 389 -21.21 3.67 2.52
N ALA A 390 -21.82 3.45 3.69
CA ALA A 390 -23.30 3.42 3.88
C ALA A 390 -23.93 4.73 3.39
N ALA A 391 -23.39 5.87 3.79
CA ALA A 391 -23.92 7.20 3.42
C ALA A 391 -23.92 7.39 1.89
N ALA A 392 -23.06 6.66 1.17
CA ALA A 392 -22.96 6.68 -0.31
C ALA A 392 -23.76 5.51 -0.92
N ASN A 393 -24.36 4.68 -0.07
CA ASN A 393 -25.19 3.51 -0.47
C ASN A 393 -24.33 2.47 -1.20
N ARG A 394 -23.01 2.47 -0.98
CA ARG A 394 -22.09 1.38 -1.43
C ARG A 394 -22.28 0.16 -0.53
N LEU A 395 -22.88 0.38 0.63
CA LEU A 395 -23.07 -0.61 1.73
C LEU A 395 -24.49 -0.42 2.29
N ARG A 396 -25.39 -1.38 2.04
CA ARG A 396 -26.84 -1.30 2.35
C ARG A 396 -27.13 -2.09 3.64
N THR A 397 -27.94 -1.50 4.53
CA THR A 397 -28.48 -2.13 5.77
C THR A 397 -29.59 -1.21 6.31
N LYS A 398 -30.62 -1.79 6.92
CA LYS A 398 -31.75 -1.04 7.55
C LYS A 398 -31.56 -1.03 9.09
N ASP A 399 -30.31 -1.14 9.57
CA ASP A 399 -29.96 -1.17 11.02
C ASP A 399 -28.75 -0.26 11.31
N SER A 400 -29.00 0.92 11.87
CA SER A 400 -27.97 1.89 12.33
C SER A 400 -27.04 1.23 13.33
N GLN A 401 -27.58 0.43 14.24
CA GLN A 401 -26.83 -0.24 15.33
C GLN A 401 -25.74 -1.13 14.75
N LEU A 402 -26.09 -1.96 13.77
CA LEU A 402 -25.17 -2.90 13.08
C LEU A 402 -24.04 -2.12 12.38
N LEU A 403 -24.39 -0.98 11.78
CA LEU A 403 -23.43 -0.06 11.12
C LEU A 403 -22.37 0.40 12.12
N ARG A 404 -22.80 0.91 13.29
CA ARG A 404 -21.88 1.37 14.35
C ARG A 404 -20.99 0.20 14.79
N ARG A 405 -21.57 -0.99 14.89
CA ARG A 405 -20.85 -2.21 15.35
C ARG A 405 -19.78 -2.61 14.32
N LEU A 406 -20.10 -2.54 13.02
CA LEU A 406 -19.12 -2.86 11.94
C LEU A 406 -17.98 -1.84 11.97
N ASP A 407 -18.33 -0.56 12.00
CA ASP A 407 -17.38 0.59 12.15
C ASP A 407 -16.37 0.27 13.26
N ALA A 408 -16.84 0.02 14.48
CA ALA A 408 -15.97 -0.19 15.66
C ALA A 408 -15.16 -1.50 15.48
N ALA A 409 -15.81 -2.57 15.04
CA ALA A 409 -15.18 -3.90 14.91
C ALA A 409 -14.02 -3.84 13.90
N PHE A 410 -14.24 -3.19 12.74
CA PHE A 410 -13.31 -3.20 11.58
C PHE A 410 -12.23 -2.14 11.75
N ALA A 411 -12.44 -1.13 12.59
CA ALA A 411 -11.42 -0.10 12.93
C ALA A 411 -10.12 -0.82 13.32
N SER A 412 -8.96 -0.22 13.00
CA SER A 412 -7.62 -0.76 13.34
C SER A 412 -7.02 0.09 14.48
N ASP A 413 -6.52 -0.59 15.50
CA ASP A 413 -5.85 0.03 16.67
C ASP A 413 -4.61 0.81 16.18
N VAL A 414 -3.70 0.11 15.50
CA VAL A 414 -2.50 0.69 14.82
C VAL A 414 -2.99 1.30 13.51
N PRO A 415 -2.64 2.57 13.20
CA PRO A 415 -3.16 3.22 11.99
C PRO A 415 -2.58 2.56 10.73
N VAL A 416 -3.39 2.45 9.68
CA VAL A 416 -3.04 1.74 8.41
C VAL A 416 -2.18 2.68 7.56
N GLN A 417 -1.12 2.10 6.96
CA GLN A 417 -0.05 2.79 6.21
C GLN A 417 0.19 2.06 4.88
N THR A 418 0.97 2.67 3.97
CA THR A 418 1.33 2.10 2.65
C THR A 418 2.82 1.77 2.66
N ALA A 419 3.19 0.55 2.28
CA ALA A 419 4.59 0.06 2.40
C ALA A 419 5.43 0.62 1.26
N PHE A 420 5.17 0.19 0.03
CA PHE A 420 5.91 0.64 -1.17
C PHE A 420 5.03 0.37 -2.38
N GLU A 421 5.25 1.15 -3.44
CA GLU A 421 4.57 1.02 -4.73
C GLU A 421 5.11 -0.24 -5.39
N PHE A 422 4.23 -1.01 -6.02
CA PHE A 422 4.53 -2.16 -6.89
C PHE A 422 3.56 -2.08 -8.08
C01 NRV B . 6.54 -3.38 -10.54
N02 NRV B . 7.40 -3.90 -11.57
C03 NRV B . 7.47 -5.20 -12.04
C04 NRV B . 6.76 -6.36 -11.66
C05 NRV B . 7.07 -7.55 -12.31
C06 NRV B . 8.06 -7.62 -13.34
F07 NRV B . 8.30 -8.83 -13.94
C08 NRV B . 8.77 -6.48 -13.72
C09 NRV B . 8.45 -5.28 -13.06
C10 NRV B . 9.00 -3.95 -13.18
C11 NRV B . 8.31 -3.16 -12.26
N12 NRV B . 8.64 -1.85 -12.17
C13 NRV B . 9.60 -1.37 -12.99
S14 NRV B . 10.01 0.38 -12.83
C15 NRV B . 10.29 0.76 -11.05
C16 NRV B . 9.01 0.73 -10.23
N17 NRV B . 8.56 2.04 -9.66
C18 NRV B . 7.71 1.73 -8.47
C19 NRV B . 6.42 1.02 -8.91
C20 NRV B . 9.68 2.97 -9.28
C21 NRV B . 9.35 4.41 -9.49
N22 NRV B . 10.25 -2.11 -13.85
N23 NRV B . 9.95 -3.42 -13.97
S SO4 C . 2.83 5.78 4.83
O1 SO4 C . 3.74 4.71 5.17
O2 SO4 C . 3.13 6.28 3.51
O3 SO4 C . 1.46 5.31 4.86
O4 SO4 C . 2.97 6.83 5.80
S DMS D . 4.75 0.04 -12.56
O DMS D . 3.91 -0.87 -13.42
C1 DMS D . 6.16 0.48 -13.55
C2 DMS D . 3.92 1.62 -12.57
#